data_4BCS
#
_entry.id   4BCS
#
_cell.length_a   81.110
_cell.length_b   47.170
_cell.length_c   60.610
_cell.angle_alpha   90.00
_cell.angle_beta   90.00
_cell.angle_gamma   90.00
#
_symmetry.space_group_name_H-M   'P 21 21 2'
#
loop_
_entity.id
_entity.type
_entity.pdbx_description
1 polymer 'CHIMERIC AVIDIN'
2 non-polymer 'ACETATE ION'
3 non-polymer DI(HYDROXYETHYL)ETHER
4 non-polymer BIOTIN
5 non-polymer 'PHOSPHATE ION'
6 water water
#
_entity_poly.entity_id   1
_entity_poly.type   'polypeptide(L)'
_entity_poly.pdbx_seq_one_letter_code
;ARKCSLTGKWTDDLGSNMTIGAVNSRGEFTGTYITAVADNPGNITLSPLLGIQHKRASQPTFGFTVNWKFSESTTVFTGQ
CFIDRNGKEVLKTMWLLRSSVNDISDDWIATRVGINIFTRQRTQK
;
_entity_poly.pdbx_strand_id   A,B
#
# COMPACT_ATOMS: atom_id res chain seq x y z
N LYS A 3 23.34 -5.40 9.49
CA LYS A 3 22.07 -5.53 8.75
C LYS A 3 21.10 -4.38 9.03
N CYS A 4 20.28 -4.09 8.01
CA CYS A 4 19.32 -3.00 8.02
C CYS A 4 19.93 -1.64 8.18
N SER A 5 21.23 -1.54 7.86
CA SER A 5 21.75 -0.26 7.42
C SER A 5 21.19 -0.02 6.00
N LEU A 6 20.62 1.14 5.77
CA LEU A 6 20.03 1.33 4.46
C LEU A 6 21.05 1.44 3.34
N THR A 7 22.31 1.78 3.67
CA THR A 7 23.38 1.87 2.69
C THR A 7 23.36 0.70 1.72
N GLY A 8 23.46 1.00 0.42
CA GLY A 8 23.49 -0.03 -0.60
C GLY A 8 22.54 0.17 -1.76
N LYS A 9 22.45 -0.85 -2.61
CA LYS A 9 21.59 -0.83 -3.78
C LYS A 9 20.36 -1.70 -3.55
N TRP A 10 19.19 -1.16 -3.92
CA TRP A 10 17.91 -1.79 -3.65
C TRP A 10 17.04 -1.77 -4.91
N THR A 11 16.15 -2.76 -5.06
CA THR A 11 15.19 -2.78 -6.16
C THR A 11 13.80 -2.98 -5.58
N ASP A 12 12.80 -2.26 -6.09
CA ASP A 12 11.43 -2.52 -5.63
C ASP A 12 10.63 -3.40 -6.58
N ASP A 13 9.44 -3.77 -6.15
CA ASP A 13 8.54 -4.64 -6.92
C ASP A 13 8.10 -4.09 -8.27
N LEU A 14 8.17 -2.76 -8.46
CA LEU A 14 7.89 -2.20 -9.75
C LEU A 14 9.16 -2.19 -10.66
N GLY A 15 10.30 -2.59 -10.12
CA GLY A 15 11.55 -2.55 -10.92
C GLY A 15 12.32 -1.23 -10.85
N SER A 16 11.90 -0.30 -9.98
CA SER A 16 12.78 0.82 -9.66
C SER A 16 14.01 0.43 -8.87
N ASN A 17 15.07 1.18 -9.10
CA ASN A 17 16.28 0.99 -8.33
C ASN A 17 16.62 2.22 -7.53
N MET A 18 17.21 2.00 -6.38
CA MET A 18 17.82 3.08 -5.62
C MET A 18 19.15 2.71 -4.99
N THR A 19 19.98 3.73 -4.87
CA THR A 19 21.31 3.63 -4.28
C THR A 19 21.33 4.58 -3.11
N ILE A 20 21.58 4.04 -1.94
CA ILE A 20 21.67 4.83 -0.72
C ILE A 20 23.12 4.83 -0.26
N GLY A 21 23.62 6.02 0.11
CA GLY A 21 25.00 6.20 0.57
C GLY A 21 25.20 5.82 2.02
N ALA A 22 26.34 6.22 2.58
CA ALA A 22 26.62 5.90 3.98
C ALA A 22 25.55 6.53 4.87
N VAL A 23 25.17 5.82 5.93
CA VAL A 23 24.27 6.34 6.95
C VAL A 23 25.10 6.95 8.06
N ASN A 24 24.87 8.23 8.39
CA ASN A 24 25.72 8.83 9.43
C ASN A 24 25.32 8.55 10.89
N SER A 25 26.01 9.18 11.82
CA SER A 25 25.80 8.88 13.24
C SER A 25 24.38 9.27 13.67
N ARG A 26 23.76 10.15 12.90
CA ARG A 26 22.39 10.57 13.22
C ARG A 26 21.34 9.75 12.43
N GLY A 27 21.78 8.77 11.66
CA GLY A 27 20.86 7.97 10.86
C GLY A 27 20.47 8.66 9.54
N GLU A 28 21.13 9.76 9.21
CA GLU A 28 20.80 10.52 7.97
C GLU A 28 21.50 9.90 6.76
N PHE A 29 20.86 9.92 5.59
CA PHE A 29 21.45 9.36 4.37
C PHE A 29 20.96 10.10 3.13
N THR A 30 21.81 10.14 2.10
CA THR A 30 21.38 10.63 0.78
C THR A 30 21.41 9.46 -0.17
N GLY A 31 20.89 9.64 -1.37
CA GLY A 31 20.94 8.58 -2.35
C GLY A 31 20.43 9.03 -3.71
N THR A 32 20.28 8.09 -4.64
CA THR A 32 19.67 8.38 -5.92
C THR A 32 18.59 7.35 -6.23
N TYR A 33 17.66 7.74 -7.07
CA TYR A 33 16.50 6.89 -7.36
C TYR A 33 16.25 6.90 -8.83
N ILE A 34 16.16 5.72 -9.42
CA ILE A 34 15.74 5.59 -10.82
C ILE A 34 14.41 4.83 -10.89
N THR A 35 13.32 5.56 -11.10
CA THR A 35 12.01 4.94 -11.14
C THR A 35 11.78 4.21 -12.48
N ALA A 36 11.10 3.08 -12.42
CA ALA A 36 10.73 2.32 -13.61
C ALA A 36 9.41 2.77 -14.18
N VAL A 37 8.67 3.60 -13.45
CA VAL A 37 7.34 4.07 -13.84
C VAL A 37 7.19 5.57 -13.51
N ALA A 38 6.34 6.27 -14.26
CA ALA A 38 6.10 7.68 -13.98
C ALA A 38 4.85 8.20 -14.67
N ASP A 39 4.40 9.41 -14.32
CA ASP A 39 3.32 10.04 -15.08
C ASP A 39 3.69 10.22 -16.56
N ASN A 40 4.92 10.65 -16.79
CA ASN A 40 5.45 10.78 -18.14
C ASN A 40 6.75 9.96 -18.24
N PRO A 41 6.62 8.66 -18.54
CA PRO A 41 7.76 7.76 -18.44
C PRO A 41 8.91 8.10 -19.42
N GLY A 42 8.59 8.77 -20.52
CA GLY A 42 9.62 9.27 -21.45
C GLY A 42 10.58 10.26 -20.81
N ASN A 43 10.13 10.92 -19.75
CA ASN A 43 10.94 11.96 -19.10
C ASN A 43 11.85 11.47 -17.97
N ILE A 44 11.84 10.18 -17.64
CA ILE A 44 12.47 9.72 -16.39
C ILE A 44 13.98 9.94 -16.38
N THR A 45 14.45 10.59 -15.33
CA THR A 45 15.91 10.77 -15.13
C THR A 45 16.23 10.52 -13.66
N LEU A 46 17.47 10.14 -13.38
CA LEU A 46 17.96 9.88 -12.02
C LEU A 46 17.61 11.06 -11.13
N SER A 47 17.16 10.80 -9.90
CA SER A 47 16.68 11.84 -9.01
C SER A 47 17.23 11.60 -7.60
N PRO A 48 17.52 12.69 -6.87
CA PRO A 48 18.13 12.53 -5.55
C PRO A 48 17.11 12.26 -4.45
N LEU A 49 17.55 11.59 -3.39
CA LEU A 49 16.73 11.39 -2.19
C LEU A 49 17.50 11.75 -0.93
N LEU A 50 16.76 12.00 0.15
CA LEU A 50 17.39 12.31 1.42
C LEU A 50 16.44 11.74 2.46
N GLY A 51 17.01 11.08 3.48
CA GLY A 51 16.14 10.49 4.51
C GLY A 51 16.86 10.26 5.84
N ILE A 52 16.12 9.67 6.79
CA ILE A 52 16.67 9.33 8.09
C ILE A 52 16.11 7.99 8.48
N GLN A 53 16.99 7.14 9.07
CA GLN A 53 16.51 5.90 9.68
C GLN A 53 16.86 5.96 11.16
N HIS A 54 16.09 5.24 11.94
CA HIS A 54 16.49 5.03 13.34
C HIS A 54 17.81 4.25 13.36
N LYS A 55 18.72 4.68 14.22
CA LYS A 55 20.12 4.25 14.07
C LYS A 55 20.42 2.97 14.83
N ARG A 56 19.87 2.81 16.04
CA ARG A 56 20.20 1.64 16.91
C ARG A 56 19.24 0.46 16.80
N ALA A 57 18.02 0.70 16.35
CA ALA A 57 17.05 -0.40 16.12
C ALA A 57 17.56 -1.44 15.13
N SER A 58 17.37 -2.72 15.42
CA SER A 58 17.87 -3.77 14.52
C SER A 58 16.99 -3.90 13.27
N GLN A 59 15.72 -3.57 13.43
CA GLN A 59 14.76 -3.53 12.33
C GLN A 59 14.17 -2.10 12.28
N PRO A 60 14.99 -1.14 11.82
CA PRO A 60 14.68 0.29 12.07
C PRO A 60 13.52 0.74 11.16
N THR A 61 12.67 1.64 11.67
CA THR A 61 11.81 2.40 10.72
C THR A 61 12.61 3.53 10.10
N PHE A 62 12.09 4.08 9.01
CA PHE A 62 12.85 5.12 8.33
C PHE A 62 11.86 5.90 7.41
N GLY A 63 12.34 7.01 6.87
CA GLY A 63 11.58 7.72 5.79
C GLY A 63 12.60 8.37 4.87
N PHE A 64 12.21 8.62 3.62
CA PHE A 64 13.03 9.46 2.78
C PHE A 64 12.14 10.19 1.78
N THR A 65 12.70 11.27 1.24
CA THR A 65 11.99 12.09 0.23
C THR A 65 12.76 11.96 -1.11
N VAL A 66 12.02 11.79 -2.20
CA VAL A 66 12.63 11.80 -3.54
C VAL A 66 12.17 13.09 -4.21
N ASN A 67 13.14 13.90 -4.59
CA ASN A 67 12.90 15.18 -5.29
C ASN A 67 13.05 14.89 -6.78
N TRP A 68 11.93 14.60 -7.45
CA TRP A 68 11.98 14.18 -8.88
C TRP A 68 12.58 15.30 -9.74
N LYS A 69 13.55 14.93 -10.57
CA LYS A 69 14.28 15.93 -11.37
C LYS A 69 13.62 16.17 -12.72
N PHE A 70 12.55 15.45 -13.00
CA PHE A 70 11.88 15.55 -14.30
C PHE A 70 10.41 15.94 -14.19
N SER A 71 9.96 16.30 -12.99
CA SER A 71 8.60 16.79 -12.83
C SER A 71 8.59 17.65 -11.60
N GLU A 72 7.44 18.21 -11.30
CA GLU A 72 7.35 19.09 -10.13
C GLU A 72 6.77 18.32 -8.94
N SER A 73 6.73 16.99 -9.06
CA SER A 73 6.14 16.13 -8.02
C SER A 73 7.19 15.78 -6.99
N THR A 74 6.74 15.23 -5.83
CA THR A 74 7.66 14.77 -4.80
C THR A 74 7.06 13.47 -4.24
N THR A 75 7.89 12.47 -3.98
CA THR A 75 7.35 11.32 -3.28
C THR A 75 8.09 11.17 -1.94
N VAL A 76 7.34 10.81 -0.91
CA VAL A 76 7.94 10.34 0.34
C VAL A 76 7.62 8.86 0.51
N PHE A 77 8.59 8.11 1.03
CA PHE A 77 8.41 6.72 1.41
C PHE A 77 8.66 6.60 2.92
N THR A 78 7.86 5.78 3.60
CA THR A 78 8.23 5.44 5.02
C THR A 78 7.96 3.94 5.17
N GLY A 79 8.69 3.30 6.10
CA GLY A 79 8.51 1.86 6.29
C GLY A 79 9.53 1.33 7.27
N GLN A 80 9.77 0.04 7.16
CA GLN A 80 10.59 -0.66 8.16
C GLN A 80 11.45 -1.69 7.42
N CYS A 81 12.72 -1.79 7.83
CA CYS A 81 13.62 -2.82 7.35
C CYS A 81 13.44 -4.03 8.26
N PHE A 82 13.06 -5.15 7.69
CA PHE A 82 12.92 -6.42 8.45
C PHE A 82 14.02 -7.38 8.08
N ILE A 83 14.47 -8.18 9.07
CA ILE A 83 15.42 -9.30 8.84
C ILE A 83 14.55 -10.56 8.96
N ASP A 84 14.42 -11.28 7.87
CA ASP A 84 13.45 -12.36 7.84
C ASP A 84 14.08 -13.62 8.50
N ARG A 85 13.35 -14.72 8.56
CA ARG A 85 13.87 -15.93 9.25
C ARG A 85 15.17 -16.50 8.66
N ASN A 86 15.64 -15.95 7.53
CA ASN A 86 16.88 -16.39 6.88
C ASN A 86 17.99 -15.35 6.88
N GLY A 87 17.75 -14.23 7.57
CA GLY A 87 18.73 -13.14 7.60
C GLY A 87 18.65 -12.21 6.40
N LYS A 88 17.63 -12.39 5.58
CA LYS A 88 17.49 -11.57 4.35
C LYS A 88 16.81 -10.23 4.72
N GLU A 89 17.36 -9.11 4.24
CA GLU A 89 16.74 -7.79 4.51
C GLU A 89 15.61 -7.43 3.53
N VAL A 90 14.48 -6.93 4.06
CA VAL A 90 13.32 -6.62 3.22
C VAL A 90 12.81 -5.22 3.66
N LEU A 91 12.69 -4.25 2.75
CA LEU A 91 12.04 -2.99 3.18
C LEU A 91 10.55 -3.02 2.81
N LYS A 92 9.67 -2.86 3.80
CA LYS A 92 8.24 -2.80 3.50
C LYS A 92 7.90 -1.31 3.63
N THR A 93 7.47 -0.70 2.54
CA THR A 93 7.24 0.75 2.58
C THR A 93 5.84 1.09 2.10
N MET A 94 5.35 2.25 2.56
CA MET A 94 4.22 2.91 1.92
C MET A 94 4.65 4.31 1.49
N TRP A 95 3.99 4.81 0.46
CA TRP A 95 4.42 6.12 -0.08
C TRP A 95 3.28 7.08 -0.29
N LEU A 96 3.60 8.37 -0.33
CA LEU A 96 2.67 9.39 -0.83
C LEU A 96 3.36 10.10 -1.94
N LEU A 97 2.67 10.23 -3.08
CA LEU A 97 3.21 10.93 -4.29
C LEU A 97 2.35 12.19 -4.46
N ARG A 98 3.02 13.34 -4.25
CA ARG A 98 2.41 14.67 -4.24
C ARG A 98 2.65 15.28 -5.63
N SER A 99 1.55 15.65 -6.32
CA SER A 99 1.61 16.33 -7.61
C SER A 99 1.51 17.81 -7.30
N SER A 100 2.10 18.64 -8.16
CA SER A 100 1.96 20.09 -8.06
C SER A 100 0.61 20.54 -8.68
N VAL A 101 -0.16 21.33 -7.94
CA VAL A 101 -1.34 22.00 -8.52
C VAL A 101 -1.15 23.53 -8.35
N ASN A 102 -1.89 24.34 -9.12
CA ASN A 102 -1.69 25.80 -9.02
C ASN A 102 -2.52 26.55 -8.02
N ASP A 103 -3.74 26.09 -7.83
CA ASP A 103 -4.62 26.74 -6.92
C ASP A 103 -4.84 25.87 -5.68
N ILE A 104 -4.72 26.48 -4.50
CA ILE A 104 -5.06 25.77 -3.26
C ILE A 104 -6.42 25.05 -3.31
N SER A 105 -7.38 25.58 -4.07
CA SER A 105 -8.69 24.96 -4.14
C SER A 105 -8.63 23.61 -4.87
N ASP A 106 -7.53 23.33 -5.59
CA ASP A 106 -7.36 22.02 -6.22
C ASP A 106 -6.54 21.02 -5.39
N ASP A 107 -6.18 21.41 -4.18
CA ASP A 107 -5.28 20.56 -3.34
C ASP A 107 -5.79 19.12 -3.15
N TRP A 108 -7.13 18.96 -3.11
CA TRP A 108 -7.76 17.68 -2.81
C TRP A 108 -7.29 16.58 -3.79
N ILE A 109 -6.97 17.00 -5.02
CA ILE A 109 -6.68 16.08 -6.13
C ILE A 109 -5.22 15.55 -6.18
N ALA A 110 -4.34 16.05 -5.32
CA ALA A 110 -2.90 16.05 -5.61
C ALA A 110 -2.08 14.93 -4.94
N THR A 111 -2.71 14.05 -4.16
CA THR A 111 -1.90 13.04 -3.42
C THR A 111 -2.34 11.62 -3.68
N ARG A 112 -1.43 10.81 -4.22
CA ARG A 112 -1.64 9.39 -4.44
C ARG A 112 -0.91 8.63 -3.31
N VAL A 113 -1.37 7.40 -3.05
CA VAL A 113 -0.86 6.57 -2.02
C VAL A 113 -0.59 5.17 -2.62
N GLY A 114 0.42 4.47 -2.09
CA GLY A 114 0.72 3.14 -2.60
C GLY A 114 1.72 2.44 -1.71
N ILE A 115 2.16 1.25 -2.14
CA ILE A 115 3.18 0.51 -1.36
C ILE A 115 4.36 0.14 -2.24
N ASN A 116 5.51 -0.15 -1.63
CA ASN A 116 6.60 -0.84 -2.35
C ASN A 116 7.32 -1.76 -1.42
N ILE A 117 7.77 -2.89 -1.96
CA ILE A 117 8.65 -3.76 -1.23
C ILE A 117 10.05 -3.70 -1.89
N PHE A 118 11.13 -3.49 -1.10
CA PHE A 118 12.47 -3.41 -1.66
C PHE A 118 13.32 -4.54 -1.08
N THR A 119 14.17 -5.16 -1.90
CA THR A 119 15.26 -5.99 -1.38
C THR A 119 16.54 -5.51 -2.05
N ARG A 120 17.68 -5.95 -1.52
CA ARG A 120 18.97 -5.50 -2.02
C ARG A 120 19.14 -6.03 -3.44
N GLN A 121 19.73 -5.25 -4.33
CA GLN A 121 20.05 -5.68 -5.68
C GLN A 121 20.80 -7.00 -5.60
N ARG A 122 20.38 -7.97 -6.39
CA ARG A 122 20.91 -9.31 -6.21
C ARG A 122 22.19 -9.51 -6.94
N THR A 123 22.30 -8.94 -8.13
CA THR A 123 23.49 -9.16 -8.95
CA THR A 123 23.49 -9.16 -8.96
C THR A 123 24.17 -7.87 -9.36
N GLN A 124 25.48 -7.91 -9.48
CA GLN A 124 26.24 -6.75 -9.94
C GLN A 124 26.44 -6.83 -11.45
N LYS A 125 26.66 -5.67 -12.07
CA LYS A 125 26.85 -5.65 -13.54
C LYS A 125 28.14 -6.35 -13.93
N LYS B 3 -15.36 -10.63 -18.21
CA LYS B 3 -15.83 -9.83 -17.04
C LYS B 3 -15.30 -10.38 -15.71
N CYS B 4 -14.59 -9.53 -14.98
CA CYS B 4 -14.21 -9.80 -13.59
C CYS B 4 -15.43 -9.37 -12.75
N SER B 5 -15.94 -10.24 -11.88
CA SER B 5 -16.94 -9.81 -10.89
C SER B 5 -16.64 -10.31 -9.48
N LEU B 6 -17.25 -9.64 -8.51
CA LEU B 6 -16.93 -9.85 -7.12
C LEU B 6 -17.61 -11.05 -6.48
N THR B 7 -18.75 -11.49 -7.02
CA THR B 7 -19.44 -12.68 -6.48
C THR B 7 -18.50 -13.89 -6.24
N GLY B 8 -18.62 -14.56 -5.09
CA GLY B 8 -17.74 -15.70 -4.75
C GLY B 8 -16.87 -15.64 -3.50
N LYS B 9 -15.96 -16.59 -3.37
CA LYS B 9 -15.14 -16.67 -2.17
C LYS B 9 -13.72 -16.24 -2.49
N TRP B 10 -13.17 -15.40 -1.62
CA TRP B 10 -11.82 -14.85 -1.80
C TRP B 10 -10.93 -15.05 -0.57
N THR B 11 -9.61 -15.18 -0.81
CA THR B 11 -8.62 -15.13 0.28
C THR B 11 -7.63 -13.96 -0.03
N ASP B 12 -7.28 -13.16 0.97
CA ASP B 12 -6.21 -12.18 0.75
C ASP B 12 -4.83 -12.63 1.26
N ASP B 13 -3.84 -11.76 1.07
CA ASP B 13 -2.45 -12.15 1.28
C ASP B 13 -2.14 -12.30 2.76
N LEU B 14 -3.05 -11.84 3.62
CA LEU B 14 -2.87 -11.93 5.08
C LEU B 14 -3.51 -13.20 5.63
N GLY B 15 -4.22 -13.90 4.77
CA GLY B 15 -4.95 -15.11 5.17
C GLY B 15 -6.42 -14.90 5.47
N SER B 16 -6.91 -13.68 5.31
CA SER B 16 -8.32 -13.38 5.55
C SER B 16 -9.15 -14.01 4.46
N ASN B 17 -10.40 -14.33 4.77
CA ASN B 17 -11.31 -14.84 3.73
C ASN B 17 -12.57 -14.02 3.71
N MET B 18 -13.13 -13.84 2.52
CA MET B 18 -14.43 -13.20 2.43
C MET B 18 -15.28 -13.92 1.41
N THR B 19 -16.60 -13.75 1.56
CA THR B 19 -17.56 -14.34 0.64
C THR B 19 -18.48 -13.21 0.23
N ILE B 20 -18.65 -13.02 -1.08
CA ILE B 20 -19.45 -11.94 -1.62
C ILE B 20 -20.62 -12.54 -2.38
N GLY B 21 -21.82 -12.04 -2.12
CA GLY B 21 -23.06 -12.60 -2.70
C GLY B 21 -23.26 -12.16 -4.14
N ALA B 22 -24.48 -12.30 -4.67
CA ALA B 22 -24.78 -11.85 -6.03
C ALA B 22 -24.72 -10.35 -6.17
N VAL B 23 -24.29 -9.89 -7.34
CA VAL B 23 -24.22 -8.48 -7.62
C VAL B 23 -25.50 -8.11 -8.32
N ASN B 24 -26.20 -7.08 -7.83
CA ASN B 24 -27.48 -6.73 -8.38
C ASN B 24 -27.36 -5.78 -9.54
N SER B 25 -28.49 -5.29 -10.02
CA SER B 25 -28.53 -4.52 -11.25
C SER B 25 -27.92 -3.14 -11.10
N ARG B 26 -27.78 -2.68 -9.87
CA ARG B 26 -27.16 -1.38 -9.62
C ARG B 26 -25.66 -1.52 -9.21
N GLY B 27 -25.14 -2.75 -9.25
CA GLY B 27 -23.77 -3.04 -8.86
C GLY B 27 -23.56 -3.32 -7.38
N GLU B 28 -24.68 -3.38 -6.62
CA GLU B 28 -24.67 -3.55 -5.15
C GLU B 28 -24.45 -4.99 -4.72
N PHE B 29 -23.76 -5.19 -3.61
CA PHE B 29 -23.53 -6.52 -3.10
C PHE B 29 -23.36 -6.48 -1.58
N THR B 30 -23.64 -7.62 -0.96
CA THR B 30 -23.40 -7.79 0.46
C THR B 30 -22.44 -8.96 0.59
N GLY B 31 -21.93 -9.21 1.79
CA GLY B 31 -21.01 -10.32 2.04
C GLY B 31 -20.56 -10.55 3.46
N THR B 32 -19.63 -11.49 3.65
CA THR B 32 -19.08 -11.72 4.98
C THR B 32 -17.56 -11.70 4.94
N TYR B 33 -16.95 -11.36 6.06
CA TYR B 33 -15.50 -11.24 6.12
C TYR B 33 -14.97 -11.88 7.40
N ILE B 34 -13.95 -12.73 7.28
CA ILE B 34 -13.33 -13.31 8.47
C ILE B 34 -11.86 -12.94 8.37
N THR B 35 -11.45 -11.99 9.20
CA THR B 35 -10.06 -11.52 9.14
C THR B 35 -9.13 -12.49 9.85
N ALA B 36 -7.95 -12.75 9.29
CA ALA B 36 -6.91 -13.52 9.96
C ALA B 36 -6.09 -12.75 11.00
N VAL B 37 -6.12 -11.42 10.92
CA VAL B 37 -5.31 -10.55 11.76
C VAL B 37 -6.23 -9.54 12.41
N ALA B 38 -5.87 -9.01 13.58
CA ALA B 38 -6.70 -7.96 14.22
C ALA B 38 -5.97 -7.29 15.37
N ASP B 39 -6.50 -6.16 15.82
CA ASP B 39 -5.96 -5.47 16.99
C ASP B 39 -5.99 -6.43 18.19
N ASN B 40 -7.11 -7.12 18.34
CA ASN B 40 -7.27 -8.18 19.34
C ASN B 40 -7.72 -9.50 18.68
N PRO B 41 -6.75 -10.37 18.30
CA PRO B 41 -7.05 -11.58 17.51
C PRO B 41 -7.97 -12.58 18.24
N GLY B 42 -7.87 -12.61 19.57
CA GLY B 42 -8.75 -13.43 20.42
C GLY B 42 -10.23 -13.06 20.37
N ASN B 43 -10.55 -11.92 19.79
CA ASN B 43 -11.95 -11.46 19.68
C ASN B 43 -12.57 -11.56 18.28
N ILE B 44 -11.81 -12.06 17.29
CA ILE B 44 -12.25 -12.05 15.88
C ILE B 44 -13.53 -12.87 15.65
N THR B 45 -14.57 -12.21 15.15
CA THR B 45 -15.81 -12.90 14.72
C THR B 45 -16.13 -12.56 13.28
N LEU B 46 -16.94 -13.41 12.63
CA LEU B 46 -17.42 -13.17 11.27
C LEU B 46 -18.11 -11.84 11.25
N SER B 47 -17.91 -11.05 10.17
CA SER B 47 -18.44 -9.69 10.07
C SER B 47 -19.00 -9.40 8.67
N PRO B 48 -20.07 -8.59 8.56
CA PRO B 48 -20.69 -8.29 7.28
C PRO B 48 -20.04 -7.14 6.52
N LEU B 49 -20.23 -7.15 5.20
CA LEU B 49 -19.70 -6.11 4.32
C LEU B 49 -20.80 -5.72 3.33
N LEU B 50 -20.73 -4.50 2.82
CA LEU B 50 -21.67 -4.00 1.81
C LEU B 50 -20.93 -3.12 0.81
N GLY B 51 -21.14 -3.33 -0.49
CA GLY B 51 -20.44 -2.45 -1.45
C GLY B 51 -21.09 -2.30 -2.81
N ILE B 52 -20.45 -1.53 -3.69
CA ILE B 52 -20.94 -1.29 -5.05
C ILE B 52 -19.75 -1.48 -6.02
N GLN B 53 -19.99 -2.20 -7.11
CA GLN B 53 -19.03 -2.27 -8.21
C GLN B 53 -19.64 -1.65 -9.47
N HIS B 54 -18.81 -1.11 -10.36
CA HIS B 54 -19.32 -0.65 -11.65
C HIS B 54 -19.80 -1.86 -12.42
N LYS B 55 -20.89 -1.66 -13.17
CA LYS B 55 -21.68 -2.76 -13.72
C LYS B 55 -21.16 -3.21 -15.08
N ARG B 56 -20.88 -2.27 -15.97
CA ARG B 56 -20.59 -2.62 -17.37
C ARG B 56 -19.13 -2.97 -17.73
N ALA B 57 -18.14 -2.44 -16.99
CA ALA B 57 -16.71 -2.68 -17.32
C ALA B 57 -16.26 -4.11 -17.07
N SER B 58 -15.33 -4.58 -17.88
CA SER B 58 -14.81 -5.91 -17.75
C SER B 58 -13.82 -6.03 -16.60
N GLN B 59 -13.20 -4.92 -16.21
CA GLN B 59 -12.31 -4.85 -15.04
C GLN B 59 -12.79 -3.77 -14.09
N PRO B 60 -13.92 -4.01 -13.42
CA PRO B 60 -14.54 -2.83 -12.80
C PRO B 60 -13.83 -2.42 -11.51
N THR B 61 -13.89 -1.15 -11.21
CA THR B 61 -13.52 -0.68 -9.86
C THR B 61 -14.71 -0.92 -8.91
N PHE B 62 -14.41 -0.93 -7.63
CA PHE B 62 -15.44 -1.21 -6.64
C PHE B 62 -15.04 -0.58 -5.30
N GLY B 63 -16.00 -0.53 -4.38
CA GLY B 63 -15.72 -0.20 -2.98
C GLY B 63 -16.58 -1.06 -2.10
N PHE B 64 -16.13 -1.35 -0.89
CA PHE B 64 -17.00 -1.94 0.13
C PHE B 64 -16.62 -1.53 1.54
N THR B 65 -17.60 -1.63 2.45
CA THR B 65 -17.39 -1.26 3.87
C THR B 65 -17.56 -2.53 4.66
N VAL B 66 -16.65 -2.82 5.60
CA VAL B 66 -16.78 -3.95 6.50
C VAL B 66 -17.14 -3.40 7.90
N ASN B 67 -18.28 -3.85 8.42
CA ASN B 67 -18.78 -3.40 9.73
C ASN B 67 -18.39 -4.44 10.80
N TRP B 68 -17.22 -4.26 11.44
CA TRP B 68 -16.64 -5.29 12.33
C TRP B 68 -17.53 -5.50 13.55
N LYS B 69 -17.80 -6.77 13.85
CA LYS B 69 -18.79 -7.13 14.89
C LYS B 69 -18.13 -7.24 16.24
N PHE B 70 -16.80 -7.18 16.26
CA PHE B 70 -16.06 -7.37 17.50
C PHE B 70 -15.25 -6.14 17.92
N SER B 71 -15.52 -5.00 17.28
CA SER B 71 -14.75 -3.76 17.42
C SER B 71 -15.66 -2.57 17.05
N GLU B 72 -15.42 -1.37 17.58
CA GLU B 72 -16.12 -0.16 17.10
C GLU B 72 -15.51 0.41 15.79
N SER B 73 -14.52 -0.29 15.27
CA SER B 73 -13.79 0.14 14.04
C SER B 73 -14.56 -0.21 12.77
N THR B 74 -14.24 0.48 11.68
CA THR B 74 -14.81 0.20 10.37
C THR B 74 -13.61 0.15 9.39
N THR B 75 -13.59 -0.81 8.44
CA THR B 75 -12.65 -0.76 7.32
C THR B 75 -13.39 -0.50 5.98
N VAL B 76 -12.85 0.39 5.13
CA VAL B 76 -13.35 0.49 3.73
C VAL B 76 -12.26 0.00 2.78
N PHE B 77 -12.65 -0.83 1.80
CA PHE B 77 -11.78 -1.32 0.73
C PHE B 77 -12.22 -0.70 -0.61
N THR B 78 -11.24 -0.25 -1.41
CA THR B 78 -11.56 0.10 -2.81
C THR B 78 -10.45 -0.43 -3.71
N GLY B 79 -10.79 -0.76 -4.94
CA GLY B 79 -9.81 -1.40 -5.82
C GLY B 79 -10.45 -1.79 -7.12
N GLN B 80 -9.78 -2.69 -7.82
CA GLN B 80 -10.17 -3.04 -9.20
C GLN B 80 -10.05 -4.52 -9.33
N CYS B 81 -11.03 -5.07 -10.06
CA CYS B 81 -11.16 -6.48 -10.30
C CYS B 81 -10.46 -6.70 -11.64
N PHE B 82 -9.30 -7.36 -11.63
CA PHE B 82 -8.50 -7.58 -12.85
C PHE B 82 -8.54 -9.04 -13.34
N ILE B 83 -8.43 -9.18 -14.66
CA ILE B 83 -8.13 -10.46 -15.29
C ILE B 83 -6.61 -10.53 -15.49
N ASP B 84 -5.97 -11.47 -14.81
CA ASP B 84 -4.50 -11.55 -14.82
C ASP B 84 -4.04 -12.33 -16.05
N ARG B 85 -2.71 -12.46 -16.18
CA ARG B 85 -2.09 -13.06 -17.39
C ARG B 85 -2.60 -14.47 -17.73
N ASN B 86 -3.10 -15.17 -16.72
CA ASN B 86 -3.62 -16.52 -16.91
C ASN B 86 -5.13 -16.57 -17.02
N GLY B 87 -5.76 -15.39 -17.11
CA GLY B 87 -7.23 -15.28 -17.15
C GLY B 87 -7.93 -15.51 -15.82
N LYS B 88 -7.17 -15.44 -14.73
CA LYS B 88 -7.69 -15.61 -13.37
C LYS B 88 -8.04 -14.25 -12.79
N GLU B 89 -9.00 -14.21 -11.86
CA GLU B 89 -9.44 -12.94 -11.28
C GLU B 89 -8.60 -12.53 -10.07
N VAL B 90 -8.22 -11.26 -9.99
CA VAL B 90 -7.41 -10.78 -8.87
C VAL B 90 -7.98 -9.44 -8.46
N LEU B 91 -8.23 -9.26 -7.17
CA LEU B 91 -8.63 -7.98 -6.67
C LEU B 91 -7.36 -7.31 -6.10
N LYS B 92 -7.01 -6.16 -6.65
CA LYS B 92 -5.98 -5.32 -6.04
C LYS B 92 -6.74 -4.24 -5.28
N THR B 93 -6.53 -4.16 -3.96
CA THR B 93 -7.30 -3.19 -3.15
C THR B 93 -6.38 -2.37 -2.25
N MET B 94 -6.85 -1.16 -1.94
CA MET B 94 -6.32 -0.40 -0.79
C MET B 94 -7.44 -0.16 0.20
N TRP B 95 -7.06 -0.05 1.46
CA TRP B 95 -8.04 0.03 2.52
C TRP B 95 -7.72 1.14 3.52
N LEU B 96 -8.78 1.69 4.11
CA LEU B 96 -8.65 2.56 5.29
C LEU B 96 -9.39 1.87 6.48
N LEU B 97 -8.65 1.68 7.58
CA LEU B 97 -9.14 1.13 8.86
C LEU B 97 -9.34 2.27 9.82
N ARG B 98 -10.60 2.62 10.06
CA ARG B 98 -10.98 3.71 10.97
C ARG B 98 -11.28 3.22 12.39
N SER B 99 -10.57 3.76 13.36
CA SER B 99 -10.80 3.46 14.79
C SER B 99 -11.82 4.42 15.37
N SER B 100 -12.51 4.00 16.44
CA SER B 100 -13.39 4.91 17.15
C SER B 100 -12.60 5.68 18.18
N VAL B 101 -12.60 7.01 18.10
CA VAL B 101 -11.94 7.81 19.14
C VAL B 101 -13.00 8.48 19.98
N ASN B 102 -12.68 8.77 21.23
CA ASN B 102 -13.72 9.27 22.13
C ASN B 102 -14.01 10.75 21.94
N ASP B 103 -13.02 11.49 21.45
CA ASP B 103 -13.18 12.93 21.21
C ASP B 103 -12.65 13.39 19.86
N ILE B 104 -13.41 14.25 19.21
CA ILE B 104 -13.04 14.82 17.91
C ILE B 104 -11.59 15.34 17.89
N SER B 105 -11.06 15.72 19.04
CA SER B 105 -9.70 16.28 19.11
C SER B 105 -8.65 15.22 18.85
N ASP B 106 -9.01 13.95 18.99
CA ASP B 106 -8.05 12.88 18.70
C ASP B 106 -8.23 12.24 17.34
N ASP B 107 -9.02 12.89 16.48
CA ASP B 107 -9.30 12.35 15.15
C ASP B 107 -8.02 12.04 14.36
N TRP B 108 -6.95 12.81 14.60
CA TRP B 108 -5.74 12.65 13.81
C TRP B 108 -5.18 11.22 13.91
N ILE B 109 -5.43 10.55 15.05
CA ILE B 109 -4.80 9.26 15.32
C ILE B 109 -5.53 8.05 14.69
N ALA B 110 -6.67 8.31 14.07
CA ALA B 110 -7.69 7.26 13.90
C ALA B 110 -7.72 6.44 12.59
N THR B 111 -6.83 6.71 11.63
CA THR B 111 -7.00 6.09 10.30
C THR B 111 -5.73 5.40 9.87
N ARG B 112 -5.79 4.08 9.79
CA ARG B 112 -4.69 3.29 9.24
C ARG B 112 -4.95 3.04 7.75
N VAL B 113 -3.87 2.80 7.00
CA VAL B 113 -3.99 2.56 5.54
C VAL B 113 -3.14 1.35 5.14
N GLY B 114 -3.55 0.66 4.07
CA GLY B 114 -2.83 -0.58 3.65
C GLY B 114 -3.35 -1.09 2.34
N ILE B 115 -2.75 -2.19 1.90
CA ILE B 115 -3.18 -2.87 0.66
C ILE B 115 -3.61 -4.29 0.98
N ASN B 116 -4.37 -4.90 0.08
CA ASN B 116 -4.57 -6.34 0.08
C ASN B 116 -4.76 -6.80 -1.37
N ILE B 117 -4.23 -7.98 -1.68
CA ILE B 117 -4.49 -8.68 -2.95
C ILE B 117 -5.37 -9.87 -2.60
N PHE B 118 -6.52 -9.97 -3.29
CA PHE B 118 -7.39 -11.15 -3.14
C PHE B 118 -7.33 -12.02 -4.39
N THR B 119 -7.35 -13.34 -4.19
CA THR B 119 -7.63 -14.30 -5.28
C THR B 119 -8.74 -15.29 -4.83
N ARG B 120 -9.25 -16.09 -5.75
CA ARG B 120 -10.31 -17.06 -5.39
C ARG B 120 -9.81 -18.12 -4.41
N GLN B 121 -10.66 -18.56 -3.49
CA GLN B 121 -10.26 -19.49 -2.42
C GLN B 121 -9.64 -20.83 -2.84
#